data_3ZRJ
#
_entry.id   3ZRJ
#
_cell.length_a   124.240
_cell.length_b   37.610
_cell.length_c   88.130
_cell.angle_alpha   90.00
_cell.angle_beta   107.54
_cell.angle_gamma   90.00
#
_symmetry.space_group_name_H-M   'C 1 2 1'
#
loop_
_entity.id
_entity.type
_entity.pdbx_description
1 polymer 'CLPB PROTEIN'
2 polymer VIPB
3 non-polymer 1,2-ETHANEDIOL
4 water water
#
loop_
_entity_poly.entity_id
_entity_poly.type
_entity_poly.pdbx_seq_one_letter_code
_entity_poly.pdbx_strand_id
1 'polypeptide(L)'
;MRGSHHHHHHTDPIRIELPTLIAKLNAQSKLALEQAASLCIERQHPEVTLEHYLDVLLDNPLSDVRLVLKQAGLEVDQVK
QAIASTYSREQVLDTYPAFSPLLVELLQEAWLLSSTELEQAELRSGAIFLAALTRADRYLSFKLISLFEGINRENLKKHF
AMILSDSAETT
;
A,B
2 'polypeptide(L)' KKWAQGSLLDEIMAQTRCKK X,Y
#
loop_
_chem_comp.id
_chem_comp.type
_chem_comp.name
_chem_comp.formula
EDO non-polymer 1,2-ETHANEDIOL 'C2 H6 O2'
#
# COMPACT_ATOMS: atom_id res chain seq x y z
N HIS A 9 21.09 -0.92 -8.69
CA HIS A 9 21.40 -0.12 -7.46
C HIS A 9 20.30 -0.32 -6.43
N HIS A 10 20.64 -0.14 -5.16
CA HIS A 10 19.81 -0.50 -4.04
C HIS A 10 18.53 0.35 -3.95
N THR A 11 17.37 -0.29 -3.78
CA THR A 11 16.11 0.44 -3.61
C THR A 11 15.49 0.04 -2.28
N ASP A 12 14.64 0.92 -1.77
CA ASP A 12 13.78 0.67 -0.62
C ASP A 12 12.34 0.41 -1.08
N PRO A 13 11.48 -0.05 -0.15
CA PRO A 13 10.07 -0.27 -0.47
C PRO A 13 9.44 0.99 -1.11
N ILE A 14 8.55 0.76 -2.07
CA ILE A 14 7.96 1.80 -2.86
C ILE A 14 7.22 2.81 -2.00
N ARG A 15 7.47 4.08 -2.27
CA ARG A 15 6.77 5.16 -1.54
C ARG A 15 5.84 5.92 -2.46
N ILE A 16 4.62 6.16 -2.03
CA ILE A 16 3.69 6.92 -2.93
C ILE A 16 3.79 8.40 -2.62
N GLU A 17 3.73 9.23 -3.67
CA GLU A 17 3.84 10.66 -3.44
C GLU A 17 2.64 11.17 -2.70
N LEU A 18 2.86 12.13 -1.80
CA LEU A 18 1.81 12.64 -0.92
C LEU A 18 0.57 13.10 -1.71
N PRO A 19 0.76 13.80 -2.84
CA PRO A 19 -0.50 14.36 -3.41
C PRO A 19 -1.42 13.24 -3.90
N THR A 20 -0.85 12.11 -4.31
CA THR A 20 -1.69 10.95 -4.74
C THR A 20 -2.51 10.32 -3.61
N LEU A 21 -1.92 10.30 -2.43
CA LEU A 21 -2.60 9.81 -1.21
C LEU A 21 -3.67 10.79 -0.77
N ILE A 22 -3.33 12.09 -0.74
CA ILE A 22 -4.36 13.10 -0.34
C ILE A 22 -5.57 13.02 -1.23
N ALA A 23 -5.36 12.75 -2.51
CA ALA A 23 -6.47 12.64 -3.47
C ALA A 23 -7.40 11.47 -3.15
N LYS A 24 -6.99 10.52 -2.32
CA LYS A 24 -7.88 9.39 -1.97
C LYS A 24 -8.86 9.74 -0.81
N LEU A 25 -8.54 10.81 -0.07
CA LEU A 25 -9.32 11.23 1.11
C LEU A 25 -10.82 11.41 0.82
N ASN A 26 -11.64 10.90 1.73
CA ASN A 26 -13.05 11.25 1.73
C ASN A 26 -13.11 12.76 1.93
N ALA A 27 -14.19 13.37 1.43
CA ALA A 27 -14.29 14.85 1.40
C ALA A 27 -14.26 15.43 2.81
N GLN A 28 -14.90 14.79 3.77
CA GLN A 28 -14.87 15.30 5.13
C GLN A 28 -13.52 15.03 5.83
N SER A 29 -12.94 13.87 5.55
CA SER A 29 -11.59 13.56 6.03
C SER A 29 -10.62 14.62 5.54
N LYS A 30 -10.80 15.03 4.27
CA LYS A 30 -9.91 16.02 3.68
C LYS A 30 -10.06 17.42 4.28
N LEU A 31 -11.31 17.80 4.51
CA LEU A 31 -11.59 19.03 5.17
C LEU A 31 -10.94 19.06 6.56
N ALA A 32 -10.98 17.93 7.29
CA ALA A 32 -10.36 17.97 8.61
C ALA A 32 -8.80 18.04 8.48
N LEU A 33 -8.25 17.43 7.45
CA LEU A 33 -6.78 17.56 7.20
C LEU A 33 -6.42 19.07 6.94
N GLU A 34 -7.27 19.75 6.19
CA GLU A 34 -7.04 21.19 5.93
C GLU A 34 -7.16 21.96 7.24
N GLN A 35 -8.09 21.56 8.09
CA GLN A 35 -8.14 22.17 9.40
C GLN A 35 -6.91 21.90 10.24
N ALA A 36 -6.43 20.66 10.24
CA ALA A 36 -5.15 20.30 10.91
C ALA A 36 -3.94 21.16 10.46
N ALA A 37 -3.90 21.34 9.17
CA ALA A 37 -2.83 22.19 8.58
C ALA A 37 -2.93 23.64 9.07
N SER A 38 -4.13 24.19 9.06
CA SER A 38 -4.34 25.61 9.56
C SER A 38 -3.97 25.68 11.03
N LEU A 39 -4.38 24.66 11.79
CA LEU A 39 -4.04 24.57 13.21
C LEU A 39 -2.53 24.61 13.39
N CYS A 40 -1.82 23.73 12.68
CA CYS A 40 -0.34 23.71 12.73
C CYS A 40 0.23 25.17 12.53
N ILE A 41 -0.25 25.81 11.46
CA ILE A 41 0.23 27.18 11.08
C ILE A 41 -0.07 28.18 12.19
N GLU A 42 -1.33 28.19 12.65
CA GLU A 42 -1.72 29.04 13.80
C GLU A 42 -0.80 28.84 15.01
N ARG A 43 -0.44 27.60 15.33
CA ARG A 43 0.52 27.30 16.43
C ARG A 43 1.99 27.51 16.05
N GLN A 44 2.26 27.79 14.77
CA GLN A 44 3.64 27.90 14.24
C GLN A 44 4.48 26.65 14.50
N HIS A 45 3.87 25.46 14.43
CA HIS A 45 4.63 24.23 14.47
C HIS A 45 5.35 23.99 13.16
N PRO A 46 6.50 23.28 13.19
CA PRO A 46 7.34 22.97 12.02
C PRO A 46 6.79 21.87 11.08
N GLU A 47 5.99 20.92 11.61
CA GLU A 47 5.38 19.85 10.79
C GLU A 47 3.93 19.60 11.12
N VAL A 48 3.12 19.31 10.10
CA VAL A 48 1.77 18.86 10.36
C VAL A 48 1.85 17.37 10.80
N THR A 49 1.26 17.04 11.95
CA THR A 49 1.39 15.68 12.51
C THR A 49 0.07 15.01 12.66
N LEU A 50 0.14 13.71 12.85
CA LEU A 50 -1.09 12.98 13.17
C LEU A 50 -1.85 13.65 14.35
N GLU A 51 -1.09 14.10 15.37
CA GLU A 51 -1.74 14.84 16.50
C GLU A 51 -2.54 16.03 16.11
N HIS A 52 -2.10 16.82 15.13
CA HIS A 52 -2.90 17.93 14.68
C HIS A 52 -4.15 17.41 14.05
N TYR A 53 -4.04 16.30 13.32
CA TYR A 53 -5.27 15.81 12.63
C TYR A 53 -6.34 15.30 13.70
N LEU A 54 -5.85 14.50 14.64
CA LEU A 54 -6.63 14.00 15.78
C LEU A 54 -7.24 15.13 16.53
N ASP A 55 -6.44 16.15 16.84
CA ASP A 55 -6.96 17.31 17.56
C ASP A 55 -8.21 17.87 16.90
N VAL A 56 -8.17 18.00 15.59
CA VAL A 56 -9.35 18.56 14.84
C VAL A 56 -10.48 17.57 14.66
N LEU A 57 -10.13 16.28 14.46
CA LEU A 57 -11.22 15.29 14.30
C LEU A 57 -12.00 15.15 15.64
N LEU A 58 -11.29 15.36 16.73
CA LEU A 58 -12.01 15.28 18.02
C LEU A 58 -13.14 16.30 18.17
N ASP A 59 -13.15 17.35 17.33
CA ASP A 59 -14.18 18.40 17.46
C ASP A 59 -15.45 18.05 16.74
N ASN A 60 -15.44 16.97 15.96
CA ASN A 60 -16.65 16.48 15.20
C ASN A 60 -17.11 15.12 15.77
N PRO A 61 -18.27 15.08 16.44
CA PRO A 61 -18.68 13.89 17.13
C PRO A 61 -18.93 12.73 16.20
N LEU A 62 -19.07 13.00 14.91
CA LEU A 62 -19.31 11.93 13.95
C LEU A 62 -18.06 11.64 13.12
N SER A 63 -16.92 12.16 13.53
CA SER A 63 -15.64 11.66 12.90
C SER A 63 -15.44 10.21 13.23
N ASP A 64 -14.67 9.50 12.40
CA ASP A 64 -14.47 8.10 12.65
C ASP A 64 -13.74 8.05 13.99
N VAL A 65 -12.86 9.03 14.25
CA VAL A 65 -12.00 8.95 15.44
C VAL A 65 -12.87 9.09 16.73
N ARG A 66 -13.80 10.04 16.70
CA ARG A 66 -14.79 10.10 17.80
C ARG A 66 -15.61 8.84 18.00
N LEU A 67 -16.08 8.24 16.91
CA LEU A 67 -16.88 7.05 16.99
C LEU A 67 -16.15 5.88 17.62
N VAL A 68 -14.84 5.77 17.29
CA VAL A 68 -13.96 4.74 17.92
C VAL A 68 -13.78 4.99 19.40
N LEU A 69 -13.47 6.22 19.76
CA LEU A 69 -13.28 6.58 21.18
C LEU A 69 -14.59 6.36 21.96
N LYS A 70 -15.73 6.65 21.35
CA LYS A 70 -17.01 6.46 22.07
C LYS A 70 -17.18 4.96 22.40
N GLN A 71 -16.91 4.12 21.40
CA GLN A 71 -17.02 2.66 21.56
C GLN A 71 -16.03 2.08 22.55
N ALA A 72 -14.93 2.79 22.76
CA ALA A 72 -13.94 2.37 23.72
C ALA A 72 -14.11 3.01 25.08
N GLY A 73 -15.22 3.71 25.29
CA GLY A 73 -15.40 4.39 26.56
C GLY A 73 -14.33 5.40 26.88
N LEU A 74 -13.71 6.02 25.86
CA LEU A 74 -12.66 7.02 26.15
C LEU A 74 -13.24 8.46 26.13
N GLU A 75 -12.67 9.35 26.93
CA GLU A 75 -13.14 10.71 27.03
C GLU A 75 -12.36 11.60 26.11
N VAL A 76 -13.06 12.48 25.41
CA VAL A 76 -12.42 13.44 24.55
C VAL A 76 -11.36 14.30 25.30
N ASP A 77 -11.67 14.74 26.51
CA ASP A 77 -10.76 15.60 27.23
CA ASP A 77 -10.74 15.60 27.16
C ASP A 77 -9.41 14.94 27.46
N GLN A 78 -9.39 13.65 27.79
CA GLN A 78 -8.07 12.98 28.02
C GLN A 78 -7.19 12.93 26.77
N VAL A 79 -7.81 12.70 25.60
CA VAL A 79 -7.04 12.63 24.36
C VAL A 79 -6.55 14.07 24.07
N LYS A 80 -7.44 15.08 24.17
CA LYS A 80 -6.99 16.48 23.98
C LYS A 80 -5.75 16.87 24.84
N GLN A 81 -5.79 16.53 26.14
CA GLN A 81 -4.65 16.89 27.00
CA GLN A 81 -4.66 16.82 27.06
C GLN A 81 -3.37 16.15 26.63
N ALA A 82 -3.48 14.85 26.22
CA ALA A 82 -2.28 14.13 25.80
C ALA A 82 -1.67 14.82 24.57
N ILE A 83 -2.53 15.22 23.63
CA ILE A 83 -2.06 15.94 22.42
C ILE A 83 -1.43 17.34 22.77
N ALA A 84 -2.12 18.10 23.62
CA ALA A 84 -1.62 19.45 24.00
C ALA A 84 -0.19 19.35 24.59
N SER A 85 0.09 18.28 25.33
CA SER A 85 1.40 18.20 26.02
C SER A 85 2.54 17.54 25.24
N THR A 86 2.26 17.11 24.01
CA THR A 86 3.26 16.43 23.19
C THR A 86 3.49 17.19 21.88
N TYR A 87 2.72 18.26 21.66
CA TYR A 87 3.00 19.15 20.51
C TYR A 87 4.49 19.59 20.51
N SER A 88 5.05 19.82 19.31
CA SER A 88 6.43 20.32 19.19
C SER A 88 6.61 21.64 19.97
N ARG A 89 7.79 21.77 20.60
CA ARG A 89 8.14 22.94 21.37
C ARG A 89 8.84 23.96 20.45
N GLU A 90 9.15 23.53 19.22
CA GLU A 90 9.79 24.40 18.22
C GLU A 90 8.73 25.35 17.64
N GLN A 91 9.15 26.57 17.32
CA GLN A 91 8.25 27.55 16.70
C GLN A 91 8.95 28.09 15.47
N VAL A 92 8.26 28.06 14.32
CA VAL A 92 8.91 28.49 13.08
C VAL A 92 8.24 29.73 12.52
N THR A 95 6.94 30.98 6.93
CA THR A 95 7.24 29.68 6.30
C THR A 95 6.21 28.55 6.58
N TYR A 96 5.75 27.93 5.49
CA TYR A 96 4.85 26.79 5.50
C TYR A 96 5.53 25.55 6.10
N PRO A 97 4.79 24.76 6.90
CA PRO A 97 5.38 23.51 7.44
C PRO A 97 5.30 22.43 6.37
N ALA A 98 5.99 21.31 6.58
CA ALA A 98 5.81 20.13 5.73
C ALA A 98 4.88 19.19 6.48
N PHE A 99 4.35 18.16 5.83
CA PHE A 99 3.83 17.07 6.68
C PHE A 99 5.03 16.41 7.33
N SER A 100 4.86 15.97 8.57
CA SER A 100 5.85 15.08 9.15
C SER A 100 6.00 13.82 8.26
N PRO A 101 7.25 13.29 8.12
CA PRO A 101 7.47 12.02 7.35
C PRO A 101 6.66 10.84 7.98
N LEU A 102 6.38 10.87 9.28
CA LEU A 102 5.61 9.80 9.86
C LEU A 102 4.19 9.93 9.38
N LEU A 103 3.68 11.16 9.16
CA LEU A 103 2.25 11.31 8.73
C LEU A 103 2.13 10.85 7.24
N VAL A 104 3.10 11.24 6.42
CA VAL A 104 3.04 10.73 5.03
C VAL A 104 2.99 9.17 5.02
N GLU A 105 3.93 8.57 5.74
CA GLU A 105 4.07 7.07 5.76
C GLU A 105 2.81 6.44 6.31
N LEU A 106 2.25 7.06 7.38
CA LEU A 106 0.93 6.62 7.93
C LEU A 106 -0.22 6.69 6.91
N LEU A 107 -0.37 7.78 6.17
CA LEU A 107 -1.38 7.80 5.15
C LEU A 107 -1.17 6.70 4.13
N GLN A 108 0.05 6.37 3.77
CA GLN A 108 0.26 5.35 2.80
C GLN A 108 -0.14 3.99 3.39
N GLU A 109 0.15 3.71 4.68
CA GLU A 109 -0.28 2.36 5.23
C GLU A 109 -1.81 2.32 5.36
N ALA A 110 -2.41 3.45 5.67
CA ALA A 110 -3.84 3.48 5.96
C ALA A 110 -4.54 3.35 4.62
N TRP A 111 -3.96 3.93 3.55
CA TRP A 111 -4.59 3.69 2.22
C TRP A 111 -4.43 2.22 1.77
N LEU A 112 -3.25 1.64 1.94
CA LEU A 112 -3.09 0.20 1.64
C LEU A 112 -4.13 -0.67 2.41
N LEU A 113 -4.32 -0.43 3.73
CA LEU A 113 -5.37 -1.16 4.47
C LEU A 113 -6.77 -0.87 3.93
N SER A 114 -7.05 0.41 3.67
CA SER A 114 -8.38 0.79 3.14
C SER A 114 -8.73 0.04 1.85
N SER A 115 -7.74 -0.07 0.95
CA SER A 115 -8.03 -0.52 -0.39
C SER A 115 -8.06 -2.03 -0.40
N THR A 116 -7.69 -2.65 0.70
CA THR A 116 -7.61 -4.13 0.73
C THR A 116 -8.57 -4.64 1.79
N GLU A 117 -8.09 -4.75 3.02
CA GLU A 117 -8.88 -5.32 4.11
C GLU A 117 -10.11 -4.59 4.59
N LEU A 118 -10.14 -3.26 4.52
CA LEU A 118 -11.29 -2.53 5.02
C LEU A 118 -12.36 -2.44 3.95
N GLU A 119 -12.02 -2.74 2.71
CA GLU A 119 -12.97 -2.55 1.58
C GLU A 119 -13.57 -1.13 1.45
N GLN A 120 -12.71 -0.14 1.62
CA GLN A 120 -13.13 1.23 1.50
C GLN A 120 -12.72 1.79 0.16
N ALA A 121 -13.63 2.46 -0.50
CA ALA A 121 -13.27 3.22 -1.69
C ALA A 121 -12.44 4.50 -1.38
N GLU A 122 -12.60 5.06 -0.21
CA GLU A 122 -11.93 6.33 0.10
C GLU A 122 -11.13 6.24 1.39
N LEU A 123 -10.10 7.09 1.51
CA LEU A 123 -9.26 7.11 2.69
C LEU A 123 -9.97 7.91 3.80
N ARG A 124 -10.26 7.25 4.92
CA ARG A 124 -10.96 7.92 6.06
C ARG A 124 -10.08 8.03 7.33
N SER A 125 -10.42 8.92 8.26
CA SER A 125 -9.60 9.03 9.51
C SER A 125 -9.69 7.76 10.33
N GLY A 126 -10.74 6.98 10.10
CA GLY A 126 -10.82 5.71 10.86
C GLY A 126 -9.70 4.78 10.43
N ALA A 127 -9.38 4.79 9.14
CA ALA A 127 -8.29 3.87 8.69
C ALA A 127 -6.96 4.42 9.10
N ILE A 128 -6.78 5.73 8.99
CA ILE A 128 -5.59 6.34 9.50
C ILE A 128 -5.39 6.02 10.99
N PHE A 129 -6.44 6.16 11.80
CA PHE A 129 -6.37 5.84 13.23
C PHE A 129 -6.08 4.33 13.41
N LEU A 130 -6.80 3.44 12.70
CA LEU A 130 -6.51 1.98 12.81
C LEU A 130 -5.04 1.62 12.50
N ALA A 131 -4.50 2.16 11.40
CA ALA A 131 -3.07 1.92 11.10
C ALA A 131 -2.10 2.42 12.22
N ALA A 132 -2.36 3.61 12.75
CA ALA A 132 -1.53 4.16 13.85
C ALA A 132 -1.67 3.24 15.08
N LEU A 133 -2.88 2.77 15.36
CA LEU A 133 -3.07 1.87 16.54
C LEU A 133 -2.40 0.50 16.29
N THR A 134 -2.51 -0.03 15.06
CA THR A 134 -1.93 -1.30 14.69
C THR A 134 -0.36 -1.17 14.79
N ARG A 135 0.22 0.00 14.43
CA ARG A 135 1.69 0.17 14.59
C ARG A 135 2.00 1.23 15.65
N ALA A 136 1.46 1.07 16.85
CA ALA A 136 1.41 2.22 17.74
C ALA A 136 2.85 2.53 18.17
N ASP A 137 3.72 1.53 18.21
CA ASP A 137 5.16 1.80 18.51
C ASP A 137 5.77 2.83 17.51
N ARG A 138 5.32 2.79 16.27
CA ARG A 138 5.85 3.61 15.23
C ARG A 138 5.24 4.99 15.25
N TYR A 139 3.89 5.03 15.40
CA TYR A 139 3.20 6.24 15.25
C TYR A 139 2.66 7.00 16.48
N LEU A 140 2.56 6.34 17.62
CA LEU A 140 1.84 6.95 18.78
C LEU A 140 2.82 7.29 19.89
N SER A 141 2.68 8.47 20.45
CA SER A 141 3.47 8.84 21.65
C SER A 141 3.07 7.98 22.83
N PHE A 142 3.95 7.93 23.85
CA PHE A 142 3.74 7.11 25.03
CA PHE A 142 3.77 7.14 25.07
C PHE A 142 2.40 7.41 25.67
N LYS A 143 1.99 8.69 25.69
CA LYS A 143 0.68 9.05 26.29
C LYS A 143 -0.51 8.49 25.52
N LEU A 144 -0.45 8.58 24.21
CA LEU A 144 -1.54 7.99 23.38
C LEU A 144 -1.54 6.47 23.42
N ILE A 145 -0.36 5.87 23.47
CA ILE A 145 -0.26 4.41 23.52
C ILE A 145 -1.04 3.94 24.77
N SER A 146 -0.73 4.59 25.91
CA SER A 146 -1.31 4.16 27.14
C SER A 146 -2.85 4.41 27.13
N LEU A 147 -3.27 5.55 26.61
CA LEU A 147 -4.73 5.80 26.48
C LEU A 147 -5.47 4.79 25.59
N PHE A 148 -4.79 4.31 24.52
CA PHE A 148 -5.46 3.57 23.45
C PHE A 148 -5.18 2.06 23.51
N GLU A 149 -4.39 1.67 24.51
CA GLU A 149 -3.92 0.30 24.74
C GLU A 149 -5.04 -0.78 24.66
N GLY A 150 -6.24 -0.43 25.11
CA GLY A 150 -7.30 -1.42 25.21
C GLY A 150 -8.18 -1.46 23.97
N ILE A 151 -7.89 -0.63 22.97
CA ILE A 151 -8.81 -0.63 21.80
C ILE A 151 -8.54 -1.88 21.01
N ASN A 152 -9.59 -2.57 20.55
CA ASN A 152 -9.38 -3.87 19.89
C ASN A 152 -9.18 -3.57 18.37
N ARG A 153 -7.95 -3.68 17.91
CA ARG A 153 -7.58 -3.39 16.48
C ARG A 153 -8.23 -4.41 15.55
N GLU A 154 -8.27 -5.68 15.97
CA GLU A 154 -8.84 -6.71 15.09
C GLU A 154 -10.33 -6.52 14.88
N ASN A 155 -11.04 -6.21 15.95
CA ASN A 155 -12.47 -5.88 15.78
C ASN A 155 -12.60 -4.68 14.87
N LEU A 156 -11.78 -3.65 15.13
CA LEU A 156 -11.96 -2.42 14.32
C LEU A 156 -11.70 -2.71 12.82
N LYS A 157 -10.71 -3.56 12.55
CA LYS A 157 -10.37 -3.91 11.19
C LYS A 157 -11.47 -4.74 10.56
N LYS A 158 -11.87 -5.78 11.28
CA LYS A 158 -12.85 -6.78 10.74
C LYS A 158 -14.25 -6.22 10.59
N HIS A 159 -14.60 -5.28 11.46
CA HIS A 159 -15.99 -4.72 11.41
C HIS A 159 -16.03 -3.21 11.18
N PHE A 160 -14.97 -2.70 10.50
CA PHE A 160 -14.70 -1.28 10.25
C PHE A 160 -15.95 -0.50 9.82
N ALA A 161 -16.48 -0.92 8.66
CA ALA A 161 -17.63 -0.27 8.04
C ALA A 161 -18.90 -0.23 8.91
N MET A 162 -19.18 -1.30 9.65
CA MET A 162 -20.33 -1.29 10.57
C MET A 162 -20.12 -0.45 11.86
N ILE A 163 -18.93 -0.56 12.46
CA ILE A 163 -18.61 0.17 13.69
C ILE A 163 -18.67 1.66 13.40
N LEU A 164 -18.29 2.03 12.21
CA LEU A 164 -18.22 3.44 11.87
C LEU A 164 -19.35 3.86 10.97
N SER A 165 -20.46 3.10 10.95
CA SER A 165 -21.59 3.35 10.07
CA SER A 165 -21.58 3.36 10.05
C SER A 165 -22.20 4.75 10.20
N ASP A 166 -22.16 5.31 11.41
CA ASP A 166 -22.71 6.65 11.69
C ASP A 166 -21.84 7.80 11.22
N SER A 167 -20.66 7.50 10.70
CA SER A 167 -19.68 8.53 10.46
C SER A 167 -20.04 9.54 9.37
N ALA A 168 -19.61 10.76 9.53
CA ALA A 168 -19.66 11.73 8.46
C ALA A 168 -18.69 11.47 7.33
N GLU A 169 -17.73 10.53 7.53
CA GLU A 169 -16.68 10.21 6.50
C GLU A 169 -17.07 9.07 5.57
N THR A 170 -18.34 8.66 5.57
CA THR A 170 -18.76 7.51 4.75
C THR A 170 -19.14 8.04 3.38
N HIS B 6 2.16 1.81 28.43
CA HIS B 6 3.41 2.62 28.17
C HIS B 6 4.04 2.38 26.76
N HIS B 7 4.17 1.10 26.38
CA HIS B 7 4.88 0.65 25.18
C HIS B 7 4.11 -0.40 24.38
N HIS B 8 4.14 -0.26 23.05
CA HIS B 8 3.54 -1.24 22.15
C HIS B 8 4.69 -2.05 21.60
N HIS B 9 4.46 -3.33 21.25
CA HIS B 9 5.55 -4.21 20.75
C HIS B 9 6.07 -3.67 19.38
N HIS B 10 7.32 -3.96 19.05
CA HIS B 10 7.90 -3.54 17.79
C HIS B 10 7.06 -4.10 16.65
N THR B 11 6.84 -3.27 15.63
CA THR B 11 6.07 -3.73 14.41
C THR B 11 6.89 -3.43 13.17
N ASP B 12 6.68 -4.24 12.15
CA ASP B 12 7.20 -3.93 10.81
C ASP B 12 6.06 -3.29 9.99
N PRO B 13 6.37 -2.70 8.83
CA PRO B 13 5.27 -2.17 8.02
C PRO B 13 4.13 -3.17 7.73
N ILE B 14 2.90 -2.65 7.58
CA ILE B 14 1.73 -3.50 7.53
C ILE B 14 1.88 -4.44 6.28
N ARG B 15 1.55 -5.72 6.46
CA ARG B 15 1.53 -6.69 5.38
C ARG B 15 0.07 -7.07 5.16
N ILE B 16 -0.34 -7.08 3.92
CA ILE B 16 -1.74 -7.36 3.61
C ILE B 16 -1.94 -8.86 3.51
N GLU B 17 -3.11 -9.30 3.95
CA GLU B 17 -3.50 -10.69 3.74
C GLU B 17 -3.40 -11.09 2.24
N LEU B 18 -2.53 -12.03 1.95
CA LEU B 18 -2.42 -12.63 0.64
C LEU B 18 -3.75 -12.96 -0.12
N PRO B 19 -4.74 -13.63 0.53
CA PRO B 19 -5.96 -13.79 -0.29
C PRO B 19 -6.63 -12.48 -0.67
N THR B 20 -6.45 -11.41 0.11
CA THR B 20 -7.11 -10.21 -0.31
C THR B 20 -6.34 -9.53 -1.48
N LEU B 21 -5.03 -9.77 -1.55
CA LEU B 21 -4.28 -9.31 -2.72
C LEU B 21 -4.63 -10.07 -3.94
N ILE B 22 -4.74 -11.41 -3.85
CA ILE B 22 -5.09 -12.21 -5.03
C ILE B 22 -6.48 -11.83 -5.56
N ALA B 23 -7.37 -11.54 -4.63
CA ALA B 23 -8.73 -11.13 -5.03
C ALA B 23 -8.77 -9.80 -5.85
N LYS B 24 -7.71 -8.99 -5.80
CA LYS B 24 -7.66 -7.81 -6.63
C LYS B 24 -7.32 -8.07 -8.07
N LEU B 25 -6.81 -9.26 -8.41
CA LEU B 25 -6.31 -9.51 -9.73
C LEU B 25 -7.40 -9.43 -10.82
N ASN B 26 -7.05 -8.87 -11.96
CA ASN B 26 -7.92 -8.94 -13.13
C ASN B 26 -8.04 -10.42 -13.50
N ALA B 27 -9.16 -10.80 -14.09
CA ALA B 27 -9.44 -12.22 -14.32
C ALA B 27 -8.34 -12.95 -15.17
N GLN B 28 -7.83 -12.27 -16.21
CA GLN B 28 -6.76 -12.83 -17.04
C GLN B 28 -5.41 -12.89 -16.27
N SER B 29 -5.10 -11.84 -15.51
CA SER B 29 -3.91 -11.82 -14.62
CA SER B 29 -3.92 -11.81 -14.60
C SER B 29 -3.97 -13.01 -13.67
N LYS B 30 -5.16 -13.35 -13.23
CA LYS B 30 -5.29 -14.36 -12.22
C LYS B 30 -5.21 -15.74 -12.79
N LEU B 31 -5.79 -15.91 -13.98
CA LEU B 31 -5.64 -17.17 -14.71
C LEU B 31 -4.15 -17.47 -14.98
N ALA B 32 -3.41 -16.44 -15.34
CA ALA B 32 -1.97 -16.58 -15.57
C ALA B 32 -1.27 -17.00 -14.29
N LEU B 33 -1.73 -16.51 -13.15
CA LEU B 33 -1.05 -16.81 -11.88
C LEU B 33 -1.34 -18.28 -11.52
N GLU B 34 -2.55 -18.71 -11.84
CA GLU B 34 -2.91 -20.11 -11.67
C GLU B 34 -2.09 -21.06 -12.55
N GLN B 35 -1.95 -20.72 -13.82
CA GLN B 35 -1.06 -21.43 -14.71
C GLN B 35 0.39 -21.37 -14.23
N ALA B 36 0.84 -20.25 -13.65
CA ALA B 36 2.20 -20.26 -13.00
C ALA B 36 2.31 -21.23 -11.87
N ALA B 37 1.29 -21.30 -11.02
CA ALA B 37 1.32 -22.31 -9.96
C ALA B 37 1.33 -23.77 -10.53
N SER B 38 0.52 -24.01 -11.55
CA SER B 38 0.53 -25.35 -12.16
C SER B 38 1.84 -25.65 -12.83
N LEU B 39 2.42 -24.66 -13.47
CA LEU B 39 3.81 -24.78 -14.01
C LEU B 39 4.87 -25.14 -12.96
N CYS B 40 4.84 -24.46 -11.82
CA CYS B 40 5.67 -24.82 -10.68
C CYS B 40 5.50 -26.33 -10.26
N ILE B 41 4.25 -26.75 -10.18
CA ILE B 41 3.94 -28.18 -9.84
C ILE B 41 4.46 -29.14 -10.93
N GLU B 42 4.05 -28.92 -12.17
CA GLU B 42 4.61 -29.59 -13.40
C GLU B 42 6.14 -29.86 -13.31
N ARG B 43 6.91 -28.81 -13.04
CA ARG B 43 8.35 -28.95 -13.03
C ARG B 43 8.92 -29.34 -11.69
N GLN B 44 8.03 -29.54 -10.70
CA GLN B 44 8.47 -29.87 -9.36
C GLN B 44 9.40 -28.83 -8.78
N HIS B 45 9.03 -27.55 -8.88
CA HIS B 45 9.83 -26.49 -8.27
C HIS B 45 9.48 -26.22 -6.80
N PRO B 46 10.41 -25.60 -6.03
CA PRO B 46 10.11 -25.61 -4.63
C PRO B 46 9.05 -24.62 -4.16
N GLU B 47 8.89 -23.54 -4.92
CA GLU B 47 7.89 -22.49 -4.64
C GLU B 47 7.52 -21.71 -5.92
N VAL B 48 6.33 -21.08 -5.89
CA VAL B 48 5.88 -20.32 -7.03
C VAL B 48 6.56 -18.94 -7.09
N THR B 49 7.23 -18.63 -8.21
CA THR B 49 8.10 -17.41 -8.23
C THR B 49 7.61 -16.39 -9.25
N LEU B 50 8.10 -15.16 -9.19
CA LEU B 50 7.88 -14.23 -10.24
C LEU B 50 8.26 -14.80 -11.67
N GLU B 51 9.38 -15.52 -11.74
CA GLU B 51 9.85 -16.12 -12.98
C GLU B 51 8.80 -17.05 -13.57
N HIS B 52 8.08 -17.81 -12.75
CA HIS B 52 7.05 -18.70 -13.29
C HIS B 52 5.94 -17.90 -13.93
N TYR B 53 5.62 -16.80 -13.24
CA TYR B 53 4.48 -15.96 -13.66
C TYR B 53 4.85 -15.26 -14.95
N LEU B 54 6.04 -14.68 -15.01
CA LEU B 54 6.56 -14.15 -16.30
C LEU B 54 6.56 -15.19 -17.42
N ASP B 55 7.03 -16.42 -17.11
CA ASP B 55 7.11 -17.49 -18.08
C ASP B 55 5.75 -17.64 -18.74
N VAL B 56 4.72 -17.79 -17.92
CA VAL B 56 3.39 -17.99 -18.38
C VAL B 56 2.87 -16.74 -19.11
N LEU B 57 3.12 -15.56 -18.54
CA LEU B 57 2.58 -14.33 -19.20
C LEU B 57 3.15 -14.13 -20.59
N LEU B 58 4.41 -14.56 -20.78
CA LEU B 58 5.08 -14.45 -22.07
C LEU B 58 4.40 -15.22 -23.18
N ASP B 59 3.53 -16.15 -22.82
CA ASP B 59 2.82 -17.00 -23.79
C ASP B 59 1.54 -16.35 -24.31
N ASN B 60 1.12 -15.25 -23.70
CA ASN B 60 0.01 -14.45 -24.25
C ASN B 60 0.56 -13.13 -24.84
N PRO B 61 0.44 -12.94 -26.17
CA PRO B 61 1.04 -11.74 -26.81
C PRO B 61 0.28 -10.47 -26.41
N LEU B 62 -0.91 -10.66 -25.87
CA LEU B 62 -1.66 -9.52 -25.33
C LEU B 62 -1.57 -9.37 -23.79
N SER B 63 -0.64 -10.09 -23.14
CA SER B 63 -0.42 -9.80 -21.68
C SER B 63 0.24 -8.41 -21.54
N ASP B 64 0.12 -7.78 -20.38
CA ASP B 64 0.76 -6.46 -20.24
C ASP B 64 2.26 -6.65 -20.44
N VAL B 65 2.78 -7.73 -19.87
CA VAL B 65 4.19 -8.06 -20.02
C VAL B 65 4.66 -8.12 -21.49
N ARG B 66 3.94 -8.86 -22.37
CA ARG B 66 4.34 -8.90 -23.77
C ARG B 66 4.29 -7.48 -24.48
N LEU B 67 3.28 -6.71 -24.14
CA LEU B 67 3.11 -5.34 -24.70
C LEU B 67 4.26 -4.44 -24.35
N VAL B 68 4.77 -4.57 -23.12
CA VAL B 68 5.91 -3.81 -22.65
C VAL B 68 7.17 -4.22 -23.36
N LEU B 69 7.42 -5.53 -23.44
CA LEU B 69 8.58 -5.98 -24.16
C LEU B 69 8.52 -5.54 -25.66
N LYS B 70 7.32 -5.52 -26.26
CA LYS B 70 7.20 -5.08 -27.66
C LYS B 70 7.64 -3.62 -27.82
N GLN B 71 7.08 -2.77 -26.96
CA GLN B 71 7.32 -1.34 -26.90
C GLN B 71 8.84 -1.06 -26.72
N ALA B 72 9.52 -1.96 -26.00
CA ALA B 72 10.96 -1.85 -25.74
C ALA B 72 11.84 -2.64 -26.73
N GLY B 73 11.19 -3.27 -27.73
CA GLY B 73 11.86 -4.06 -28.76
C GLY B 73 12.61 -5.28 -28.25
N LEU B 74 12.18 -5.80 -27.10
CA LEU B 74 12.91 -6.90 -26.44
C LEU B 74 12.48 -8.24 -27.01
N GLU B 75 13.47 -9.09 -27.29
CA GLU B 75 13.25 -10.47 -27.76
C GLU B 75 12.72 -11.35 -26.61
N VAL B 76 11.51 -11.87 -26.78
CA VAL B 76 10.89 -12.85 -25.91
C VAL B 76 11.78 -14.06 -25.68
N ASP B 77 12.47 -14.53 -26.73
CA ASP B 77 13.27 -15.76 -26.66
C ASP B 77 14.37 -15.59 -25.60
N GLN B 78 15.02 -14.42 -25.53
CA GLN B 78 16.10 -14.22 -24.55
CA GLN B 78 16.09 -14.23 -24.58
C GLN B 78 15.52 -14.13 -23.14
N VAL B 79 14.28 -13.65 -23.02
CA VAL B 79 13.70 -13.52 -21.69
C VAL B 79 13.38 -14.96 -21.19
N LYS B 80 12.69 -15.75 -22.00
CA LYS B 80 12.54 -17.19 -21.76
C LYS B 80 13.82 -17.92 -21.31
N GLN B 81 14.95 -17.74 -22.02
CA GLN B 81 16.21 -18.35 -21.55
C GLN B 81 16.67 -17.84 -20.20
N ALA B 82 16.56 -16.52 -19.94
CA ALA B 82 16.92 -16.01 -18.61
C ALA B 82 16.02 -16.64 -17.52
N ILE B 83 14.73 -16.75 -17.79
CA ILE B 83 13.82 -17.38 -16.81
C ILE B 83 14.22 -18.85 -16.56
N ALA B 84 14.54 -19.53 -17.66
CA ALA B 84 14.88 -20.99 -17.54
C ALA B 84 16.18 -21.17 -16.76
N SER B 85 17.00 -20.14 -16.81
CA SER B 85 18.25 -20.15 -16.07
C SER B 85 18.02 -20.14 -14.53
N THR B 86 16.82 -19.77 -14.11
CA THR B 86 16.52 -19.78 -12.67
C THR B 86 15.97 -21.12 -12.20
N TYR B 87 15.67 -22.03 -13.15
CA TYR B 87 14.87 -23.26 -12.84
C TYR B 87 15.88 -24.35 -12.56
N SER B 88 16.77 -24.06 -11.61
CA SER B 88 17.98 -24.86 -11.37
C SER B 88 17.76 -25.94 -10.31
N ARG B 89 16.61 -25.88 -9.62
CA ARG B 89 16.37 -26.78 -8.51
C ARG B 89 14.99 -27.38 -8.53
N GLU B 90 14.92 -28.67 -8.22
CA GLU B 90 13.68 -29.38 -8.10
C GLU B 90 13.57 -29.99 -6.74
N GLN B 91 12.33 -30.17 -6.30
CA GLN B 91 12.06 -30.54 -4.90
C GLN B 91 10.79 -31.34 -4.92
N VAL B 92 10.85 -32.62 -4.57
CA VAL B 92 9.61 -33.40 -4.52
C VAL B 92 8.75 -32.88 -3.36
N LEU B 93 7.50 -32.46 -3.59
CA LEU B 93 6.72 -31.94 -2.44
C LEU B 93 5.57 -32.89 -2.10
N ASP B 94 5.21 -33.02 -0.82
CA ASP B 94 4.04 -33.79 -0.50
C ASP B 94 2.85 -32.89 -0.15
N THR B 95 2.93 -31.63 -0.60
CA THR B 95 1.92 -30.62 -0.31
C THR B 95 1.95 -29.68 -1.55
N TYR B 96 1.02 -28.74 -1.60
CA TYR B 96 1.07 -27.74 -2.68
C TYR B 96 2.29 -26.87 -2.44
N PRO B 97 2.91 -26.33 -3.51
CA PRO B 97 3.94 -25.32 -3.28
C PRO B 97 3.33 -24.06 -2.68
N ALA B 98 4.11 -23.30 -1.92
CA ALA B 98 3.70 -21.93 -1.54
C ALA B 98 4.18 -20.87 -2.56
N PHE B 99 3.56 -19.66 -2.56
CA PHE B 99 4.21 -18.56 -3.27
C PHE B 99 5.55 -18.18 -2.57
N SER B 100 6.56 -17.82 -3.35
CA SER B 100 7.78 -17.29 -2.73
C SER B 100 7.48 -16.00 -1.95
N PRO B 101 8.19 -15.79 -0.83
CA PRO B 101 7.97 -14.60 -0.03
C PRO B 101 8.19 -13.34 -0.89
N LEU B 102 9.17 -13.33 -1.78
CA LEU B 102 9.35 -12.19 -2.70
C LEU B 102 8.11 -11.96 -3.61
N LEU B 103 7.51 -13.02 -4.12
CA LEU B 103 6.32 -12.74 -4.92
C LEU B 103 5.14 -12.14 -4.13
N VAL B 104 4.90 -12.62 -2.90
CA VAL B 104 3.82 -12.04 -2.14
C VAL B 104 4.13 -10.58 -1.84
N GLU B 105 5.40 -10.28 -1.48
CA GLU B 105 5.79 -8.88 -1.23
C GLU B 105 5.61 -8.00 -2.47
N LEU B 106 5.94 -8.55 -3.66
CA LEU B 106 5.77 -7.81 -4.88
C LEU B 106 4.30 -7.56 -5.23
N LEU B 107 3.40 -8.53 -4.98
CA LEU B 107 1.97 -8.28 -5.30
C LEU B 107 1.47 -7.11 -4.48
N GLN B 108 1.94 -7.03 -3.25
CA GLN B 108 1.51 -5.92 -2.36
C GLN B 108 2.03 -4.60 -2.89
N GLU B 109 3.35 -4.51 -3.18
CA GLU B 109 3.86 -3.23 -3.77
C GLU B 109 3.14 -2.89 -5.08
N ALA B 110 2.83 -3.90 -5.93
CA ALA B 110 2.18 -3.65 -7.25
C ALA B 110 0.73 -3.18 -7.03
N TRP B 111 0.07 -3.75 -6.05
CA TRP B 111 -1.29 -3.21 -5.71
C TRP B 111 -1.27 -1.80 -5.19
N LEU B 112 -0.30 -1.45 -4.32
CA LEU B 112 -0.21 -0.11 -3.85
C LEU B 112 0.00 0.84 -5.04
N LEU B 113 0.91 0.49 -5.96
CA LEU B 113 1.05 1.32 -7.18
C LEU B 113 -0.20 1.42 -7.96
N SER B 114 -0.82 0.27 -8.20
CA SER B 114 -2.10 0.23 -9.03
C SER B 114 -3.13 1.17 -8.49
N SER B 115 -3.30 1.14 -7.16
CA SER B 115 -4.48 1.77 -6.54
C SER B 115 -4.17 3.25 -6.37
N THR B 116 -2.94 3.68 -6.61
CA THR B 116 -2.59 5.08 -6.38
C THR B 116 -2.21 5.72 -7.76
N GLU B 117 -0.91 5.67 -8.10
CA GLU B 117 -0.33 6.30 -9.35
C GLU B 117 -0.87 5.85 -10.65
N LEU B 118 -1.22 4.57 -10.76
CA LEU B 118 -1.58 3.98 -12.04
C LEU B 118 -3.07 4.11 -12.27
N GLU B 119 -3.83 4.46 -11.24
CA GLU B 119 -5.30 4.55 -11.33
C GLU B 119 -6.03 3.32 -11.87
N GLN B 120 -5.62 2.13 -11.40
CA GLN B 120 -6.24 0.85 -11.80
C GLN B 120 -7.23 0.31 -10.75
N ALA B 121 -8.41 -0.13 -11.15
CA ALA B 121 -9.28 -0.84 -10.21
C ALA B 121 -8.87 -2.32 -9.88
N GLU B 122 -8.04 -2.91 -10.74
CA GLU B 122 -7.63 -4.33 -10.66
C GLU B 122 -6.09 -4.41 -10.72
N LEU B 123 -5.56 -5.43 -10.06
CA LEU B 123 -4.12 -5.70 -10.08
C LEU B 123 -3.81 -6.46 -11.36
N ARG B 124 -2.95 -5.86 -12.18
CA ARG B 124 -2.58 -6.46 -13.47
C ARG B 124 -1.13 -6.88 -13.54
N SER B 125 -0.75 -7.72 -14.53
CA SER B 125 0.66 -8.09 -14.62
C SER B 125 1.54 -6.89 -14.97
N GLY B 126 0.96 -5.89 -15.63
CA GLY B 126 1.69 -4.63 -15.93
C GLY B 126 2.22 -3.90 -14.69
N ALA B 127 1.38 -3.79 -13.66
CA ALA B 127 1.72 -3.18 -12.40
C ALA B 127 2.73 -4.04 -11.65
N ILE B 128 2.50 -5.37 -11.65
CA ILE B 128 3.45 -6.27 -11.06
C ILE B 128 4.81 -6.16 -11.76
N PHE B 129 4.82 -6.17 -13.09
CA PHE B 129 6.11 -6.03 -13.83
C PHE B 129 6.77 -4.64 -13.52
N LEU B 130 5.96 -3.59 -13.57
CA LEU B 130 6.49 -2.26 -13.32
C LEU B 130 7.11 -2.18 -11.90
N ALA B 131 6.42 -2.75 -10.89
CA ALA B 131 6.97 -2.70 -9.56
C ALA B 131 8.30 -3.51 -9.50
N ALA B 132 8.37 -4.67 -10.16
CA ALA B 132 9.63 -5.48 -10.15
C ALA B 132 10.73 -4.73 -10.88
N LEU B 133 10.38 -4.07 -11.98
CA LEU B 133 11.39 -3.27 -12.66
C LEU B 133 11.96 -2.09 -11.80
N THR B 134 11.07 -1.42 -11.08
CA THR B 134 11.37 -0.27 -10.23
C THR B 134 12.30 -0.69 -9.11
N ARG B 135 12.09 -1.92 -8.60
CA ARG B 135 12.94 -2.49 -7.57
C ARG B 135 13.66 -3.72 -8.08
N ALA B 136 14.34 -3.56 -9.23
CA ALA B 136 14.90 -4.67 -9.95
C ALA B 136 15.95 -5.39 -9.06
N ASP B 137 16.73 -4.63 -8.26
CA ASP B 137 17.68 -5.23 -7.28
C ASP B 137 16.97 -6.25 -6.40
N ARG B 138 15.76 -5.88 -5.96
CA ARG B 138 15.00 -6.71 -5.01
C ARG B 138 14.39 -7.95 -5.62
N TYR B 139 13.82 -7.81 -6.85
CA TYR B 139 12.97 -8.81 -7.44
C TYR B 139 13.49 -9.57 -8.69
N LEU B 140 14.53 -9.09 -9.38
CA LEU B 140 14.96 -9.71 -10.66
C LEU B 140 16.39 -10.23 -10.61
N SER B 141 16.61 -11.37 -11.24
CA SER B 141 17.93 -11.95 -11.37
C SER B 141 18.83 -11.07 -12.23
N PHE B 142 20.15 -11.28 -12.09
CA PHE B 142 21.12 -10.45 -12.74
C PHE B 142 20.87 -10.47 -14.23
N LYS B 143 20.49 -11.62 -14.76
CA LYS B 143 20.30 -11.73 -16.21
C LYS B 143 19.09 -10.95 -16.62
N LEU B 144 18.04 -11.04 -15.80
CA LEU B 144 16.81 -10.31 -16.06
C LEU B 144 17.03 -8.82 -15.93
N ILE B 145 17.87 -8.35 -15.02
CA ILE B 145 18.18 -6.90 -14.96
C ILE B 145 18.82 -6.42 -16.27
N SER B 146 19.88 -7.11 -16.68
CA SER B 146 20.52 -6.79 -17.95
C SER B 146 19.55 -6.72 -19.08
N LEU B 147 18.71 -7.74 -19.18
CA LEU B 147 17.78 -7.74 -20.30
C LEU B 147 16.83 -6.57 -20.25
N PHE B 148 16.43 -6.17 -19.04
CA PHE B 148 15.35 -5.16 -18.91
C PHE B 148 15.86 -3.74 -18.72
N GLU B 149 17.17 -3.60 -18.60
CA GLU B 149 17.86 -2.32 -18.41
C GLU B 149 17.34 -1.17 -19.28
N GLY B 150 17.00 -1.47 -20.53
CA GLY B 150 16.52 -0.46 -21.47
C GLY B 150 15.07 0.01 -21.28
N ILE B 151 14.27 -0.72 -20.49
CA ILE B 151 12.87 -0.35 -20.24
C ILE B 151 12.79 0.89 -19.35
N ASN B 152 12.09 1.92 -19.84
CA ASN B 152 12.00 3.16 -19.10
C ASN B 152 10.84 3.13 -18.09
N ARG B 153 11.17 3.04 -16.83
CA ARG B 153 10.19 2.80 -15.77
C ARG B 153 9.22 3.98 -15.61
N GLU B 154 9.75 5.17 -15.41
CA GLU B 154 8.95 6.40 -15.38
C GLU B 154 7.98 6.54 -16.58
N ASN B 155 8.45 6.34 -17.80
CA ASN B 155 7.53 6.37 -18.96
C ASN B 155 6.40 5.34 -18.88
N LEU B 156 6.78 4.10 -18.53
CA LEU B 156 5.79 3.06 -18.27
C LEU B 156 4.79 3.48 -17.21
N LYS B 157 5.31 4.05 -16.13
CA LYS B 157 4.43 4.51 -15.02
C LYS B 157 3.44 5.62 -15.41
N LYS B 158 3.99 6.61 -16.15
CA LYS B 158 3.26 7.82 -16.54
C LYS B 158 2.20 7.54 -17.58
N HIS B 159 2.53 6.67 -18.52
CA HIS B 159 1.65 6.38 -19.65
C HIS B 159 1.11 4.93 -19.61
N PHE B 160 1.01 4.36 -18.40
CA PHE B 160 0.59 2.97 -18.16
C PHE B 160 -0.66 2.58 -18.99
N ALA B 161 -1.78 3.29 -18.76
CA ALA B 161 -3.03 2.94 -19.45
C ALA B 161 -2.86 2.99 -20.98
N MET B 162 -2.14 3.98 -21.49
CA MET B 162 -1.97 4.12 -22.93
C MET B 162 -1.04 3.03 -23.51
N ILE B 163 0.14 2.85 -22.89
CA ILE B 163 1.08 1.84 -23.36
C ILE B 163 0.40 0.48 -23.43
N LEU B 164 -0.53 0.22 -22.51
CA LEU B 164 -1.07 -1.13 -22.39
C LEU B 164 -2.54 -1.26 -22.80
N SER B 165 -3.00 -0.35 -23.63
CA SER B 165 -4.45 -0.31 -23.96
C SER B 165 -4.96 -1.57 -24.70
N ASP B 166 -4.12 -2.17 -25.52
CA ASP B 166 -4.51 -3.44 -26.22
C ASP B 166 -4.50 -4.68 -25.27
N SER B 167 -4.09 -4.52 -24.02
CA SER B 167 -3.91 -5.69 -23.13
C SER B 167 -5.18 -6.56 -22.92
N ALA B 168 -5.01 -7.87 -22.79
CA ALA B 168 -6.06 -8.77 -22.35
C ALA B 168 -6.41 -8.62 -20.90
N GLU B 169 -5.59 -7.85 -20.14
CA GLU B 169 -5.83 -7.64 -18.72
C GLU B 169 -6.53 -6.28 -18.42
N THR B 170 -7.37 -5.77 -19.35
CA THR B 170 -8.07 -4.47 -19.15
C THR B 170 -9.60 -4.57 -19.07
N GLN C 5 -2.91 31.45 -5.57
CA GLN C 5 -3.60 30.30 -6.23
C GLN C 5 -3.48 28.98 -5.45
N GLY C 6 -2.25 28.50 -5.23
CA GLY C 6 -2.03 27.25 -4.50
C GLY C 6 -2.73 27.33 -3.15
N SER C 7 -3.47 26.31 -2.79
CA SER C 7 -4.07 26.24 -1.49
C SER C 7 -3.02 26.05 -0.40
N LEU C 8 -3.50 26.16 0.83
CA LEU C 8 -2.70 25.84 2.00
C LEU C 8 -2.11 24.42 1.87
N LEU C 9 -2.97 23.44 1.64
CA LEU C 9 -2.50 22.06 1.56
C LEU C 9 -1.54 21.90 0.36
N ASP C 10 -1.79 22.62 -0.76
CA ASP C 10 -0.80 22.65 -1.84
C ASP C 10 0.58 23.13 -1.43
N GLU C 11 0.63 24.21 -0.64
CA GLU C 11 1.90 24.79 -0.19
C GLU C 11 2.64 23.82 0.73
N ILE C 12 1.86 23.21 1.64
CA ILE C 12 2.38 22.22 2.58
C ILE C 12 2.88 20.93 1.91
N MET C 13 2.10 20.42 0.97
CA MET C 13 2.59 19.34 0.09
C MET C 13 3.90 19.66 -0.64
N ALA C 14 4.03 20.89 -1.20
CA ALA C 14 5.30 21.25 -1.88
C ALA C 14 6.45 21.22 -0.86
N GLN C 15 6.21 21.78 0.34
CA GLN C 15 7.27 21.80 1.34
C GLN C 15 7.69 20.38 1.72
N THR C 16 6.70 19.45 1.67
CA THR C 16 6.89 18.06 2.04
C THR C 16 7.80 17.38 0.97
N ARG C 17 7.65 17.77 -0.27
CA ARG C 17 8.50 17.17 -1.31
C ARG C 17 9.93 17.72 -1.13
N CYS C 18 10.01 19.03 -0.92
CA CYS C 18 11.24 19.83 -0.69
C CYS C 18 11.83 19.72 0.70
N SER D 7 -10.18 -24.14 -6.77
CA SER D 7 -9.13 -24.13 -7.83
C SER D 7 -7.74 -24.10 -7.17
N LEU D 8 -6.72 -24.16 -7.99
CA LEU D 8 -5.36 -24.25 -7.49
C LEU D 8 -4.92 -23.09 -6.55
N LEU D 9 -5.22 -21.83 -6.92
CA LEU D 9 -4.86 -20.64 -6.10
C LEU D 9 -5.38 -20.77 -4.66
N ASP D 10 -6.62 -21.20 -4.53
CA ASP D 10 -7.22 -21.49 -3.21
C ASP D 10 -6.32 -22.27 -2.28
N GLU D 11 -5.71 -23.33 -2.83
CA GLU D 11 -4.86 -24.24 -2.09
C GLU D 11 -3.43 -23.66 -1.87
N ILE D 12 -2.84 -23.07 -2.92
CA ILE D 12 -1.48 -22.46 -2.87
C ILE D 12 -1.49 -21.30 -1.85
N MET D 13 -2.66 -20.69 -1.65
CA MET D 13 -2.78 -19.55 -0.73
C MET D 13 -2.62 -20.05 0.70
N ALA D 14 -3.24 -21.20 0.99
CA ALA D 14 -3.37 -21.73 2.36
C ALA D 14 -2.01 -22.21 2.83
N GLN D 15 -1.13 -22.48 1.86
CA GLN D 15 0.21 -23.07 2.08
C GLN D 15 1.27 -21.99 2.46
N THR D 16 1.06 -20.75 2.01
CA THR D 16 2.04 -19.65 2.15
C THR D 16 2.13 -19.05 3.59
C1 EDO E . -13.12 -1.05 22.04
O1 EDO E . -12.19 -1.84 21.25
C2 EDO E . -13.03 -1.57 23.49
O2 EDO E . -12.12 -0.76 24.28
#